data_7WQU
#
_entry.id   7WQU
#
_cell.length_a   176.292
_cell.length_b   176.292
_cell.length_c   176.292
_cell.angle_alpha   90.000
_cell.angle_beta   90.000
_cell.angle_gamma   90.000
#
_symmetry.space_group_name_H-M   'I 2 3'
#
loop_
_entity.id
_entity.type
_entity.pdbx_description
1 polymer 'Ferrous iron transport protein B'
2 polymer 'Probable [Fe-S]-dependent transcriptional repressor'
#
loop_
_entity_poly.entity_id
_entity_poly.type
_entity_poly.pdbx_seq_one_letter_code
_entity_poly.pdbx_strand_id
1 'polypeptide(L)'
;MQKLTVGLIGNPNSGKTTLFNQLTGARQRVGNWAGVTVERKEGIFATTDHQVTLVDLPGTYSLTTISSQTSLDEQIACHY
ILSGDADMLINVVDASNLERNLYLTLQLLELGIPCVVALNMLDIAEKQQVRIDIDALAARLGCPVIPLVSTRGRGIEALK
IALDRHQANSDLELVHYPQPLLREADLLAQQMSAQIPPRQRRWLGLQMLEGDIYSRAYAGDAADKLDIALANLSDEIDDP
ALHIADARYQTIAAICDAVSNTLTAEP
;
A
2 'polypeptide(L)'
;GPLGSMASLMEVRDMLALQGRMEAKQLSARLQTPQPLIDAMLERMEAMGKVVRISETSEGCLSGSCKSCPEGKAACRQEW
WALRL
;
B
#
# COMPACT_ATOMS: atom_id res chain seq x y z
N GLN A 2 13.09 23.18 13.24
CA GLN A 2 13.89 22.18 12.54
C GLN A 2 13.47 20.77 12.95
N LYS A 3 12.56 20.68 13.90
CA LYS A 3 12.04 19.38 14.30
C LYS A 3 11.23 18.78 13.17
N LEU A 4 11.31 17.46 13.05
CA LEU A 4 10.69 16.75 11.93
C LEU A 4 10.10 15.44 12.41
N THR A 5 8.96 15.06 11.82
CA THR A 5 8.26 13.82 12.15
C THR A 5 8.08 13.01 10.88
N VAL A 6 8.58 11.78 10.89
CA VAL A 6 8.52 10.89 9.74
C VAL A 6 7.80 9.61 10.17
N GLY A 7 6.84 9.19 9.35
CA GLY A 7 6.16 7.92 9.57
C GLY A 7 6.88 6.81 8.81
N LEU A 8 7.24 5.75 9.53
CA LEU A 8 7.94 4.61 8.95
C LEU A 8 6.91 3.50 8.74
N ILE A 9 6.38 3.42 7.52
CA ILE A 9 5.38 2.43 7.15
C ILE A 9 6.00 1.45 6.18
N GLY A 10 5.46 0.24 6.15
CA GLY A 10 5.96 -0.75 5.23
C GLY A 10 5.29 -2.08 5.47
N ASN A 11 5.63 -3.02 4.59
CA ASN A 11 5.11 -4.38 4.70
C ASN A 11 5.66 -5.04 5.97
N PRO A 12 4.98 -6.07 6.45
CA PRO A 12 5.61 -6.94 7.46
C PRO A 12 6.67 -7.82 6.81
N ASN A 13 7.57 -8.31 7.65
CA ASN A 13 8.69 -9.15 7.22
C ASN A 13 9.50 -8.45 6.12
N SER A 14 10.01 -7.25 6.47
CA SER A 14 10.83 -6.51 5.51
C SER A 14 11.87 -5.63 6.21
N GLY A 15 12.27 -5.98 7.42
CA GLY A 15 13.33 -5.25 8.08
C GLY A 15 12.99 -3.81 8.39
N LYS A 16 11.70 -3.45 8.26
CA LYS A 16 11.21 -2.20 8.80
C LYS A 16 11.70 -2.05 10.24
N THR A 17 11.46 -3.10 11.02
CA THR A 17 12.06 -3.34 12.33
C THR A 17 13.52 -2.92 12.38
N THR A 18 14.38 -3.63 11.65
CA THR A 18 15.82 -3.43 11.75
C THR A 18 16.34 -2.24 10.95
N LEU A 19 15.51 -1.62 10.10
CA LEU A 19 15.90 -0.32 9.56
C LEU A 19 15.70 0.77 10.60
N PHE A 20 14.53 0.78 11.23
CA PHE A 20 14.21 1.63 12.36
C PHE A 20 15.33 1.62 13.39
N ASN A 21 15.92 0.44 13.60
CA ASN A 21 17.04 0.32 14.54
C ASN A 21 18.18 1.25 14.14
N GLN A 22 18.76 1.02 12.97
CA GLN A 22 20.00 1.70 12.60
C GLN A 22 19.81 3.22 12.48
N LEU A 23 18.60 3.66 12.11
CA LEU A 23 18.34 5.11 12.10
C LEU A 23 18.45 5.68 13.51
N THR A 24 17.64 5.16 14.44
CA THR A 24 17.66 5.65 15.81
C THR A 24 18.82 5.04 16.60
N GLY A 25 18.81 3.72 16.76
CA GLY A 25 19.89 3.03 17.45
C GLY A 25 19.80 3.07 18.96
N ALA A 26 20.31 4.14 19.55
CA ALA A 26 20.36 4.24 21.02
C ALA A 26 19.03 4.71 21.59
N ARG A 27 18.44 5.74 21.01
CA ARG A 27 17.28 6.41 21.60
C ARG A 27 16.00 5.85 21.02
N GLN A 28 15.26 5.08 21.83
CA GLN A 28 14.02 4.41 21.41
C GLN A 28 13.10 4.32 22.62
N ARG A 29 12.09 5.17 22.69
CA ARG A 29 11.11 5.00 23.74
C ARG A 29 9.92 4.20 23.22
N VAL A 30 9.06 3.78 24.16
CA VAL A 30 7.95 2.89 23.85
C VAL A 30 6.70 3.41 24.52
N GLY A 31 5.54 3.07 23.95
CA GLY A 31 4.28 3.44 24.56
C GLY A 31 3.14 2.64 23.97
N ASN A 32 2.03 2.64 24.70
CA ASN A 32 0.80 2.03 24.19
C ASN A 32 0.13 2.96 23.20
N TRP A 33 -0.49 2.37 22.18
CA TRP A 33 -1.00 3.17 21.07
C TRP A 33 -2.32 3.84 21.47
N ALA A 34 -2.69 4.87 20.70
CA ALA A 34 -3.81 5.77 21.00
C ALA A 34 -5.05 5.06 21.51
N GLY A 35 -4.99 4.58 22.76
CA GLY A 35 -6.15 4.01 23.41
C GLY A 35 -6.36 2.53 23.19
N VAL A 36 -5.31 1.75 22.92
CA VAL A 36 -5.45 0.31 22.74
C VAL A 36 -4.27 -0.41 23.36
N THR A 37 -4.03 -1.64 22.92
CA THR A 37 -3.13 -2.57 23.61
C THR A 37 -1.82 -2.81 22.88
N VAL A 38 -1.57 -2.16 21.74
CA VAL A 38 -0.38 -2.46 20.96
C VAL A 38 0.66 -1.37 21.13
N GLU A 39 1.83 -1.58 20.52
CA GLU A 39 3.07 -0.89 20.89
C GLU A 39 3.40 0.22 19.89
N ARG A 40 3.36 1.46 20.36
CA ARG A 40 3.86 2.60 19.59
C ARG A 40 5.35 2.75 19.88
N LYS A 41 6.17 2.68 18.84
CA LYS A 41 7.63 2.65 18.97
C LYS A 41 8.22 3.90 18.31
N GLU A 42 8.32 4.97 19.08
CA GLU A 42 8.89 6.22 18.60
C GLU A 42 10.39 6.26 18.87
N GLY A 43 11.12 6.90 17.96
CA GLY A 43 12.55 7.06 18.12
C GLY A 43 13.02 8.38 17.54
N ILE A 44 14.18 8.82 18.01
CA ILE A 44 14.77 10.09 17.60
C ILE A 44 16.12 9.83 16.97
N PHE A 45 16.37 10.47 15.83
CA PHE A 45 17.71 10.53 15.26
C PHE A 45 17.88 11.89 14.61
N ALA A 46 19.13 12.22 14.25
CA ALA A 46 19.47 13.54 13.76
C ALA A 46 20.13 13.44 12.39
N THR A 47 19.65 14.25 11.46
CA THR A 47 20.39 14.57 10.25
C THR A 47 21.17 15.85 10.48
N THR A 48 21.94 16.25 9.48
CA THR A 48 22.62 17.53 9.58
C THR A 48 21.70 18.62 9.06
N ASP A 49 20.46 18.61 9.54
CA ASP A 49 19.48 19.66 9.23
C ASP A 49 18.28 19.57 10.17
N HIS A 50 17.84 18.35 10.48
CA HIS A 50 16.69 18.13 11.34
C HIS A 50 17.03 17.15 12.46
N GLN A 51 16.30 17.28 13.57
CA GLN A 51 16.13 16.19 14.52
C GLN A 51 14.82 15.49 14.17
N VAL A 52 14.92 14.27 13.68
CA VAL A 52 13.77 13.56 13.16
C VAL A 52 13.11 12.78 14.29
N THR A 53 11.79 12.95 14.42
CA THR A 53 10.97 12.06 15.24
C THR A 53 10.44 10.97 14.32
N LEU A 54 11.10 9.82 14.34
CA LEU A 54 10.65 8.68 13.57
C LEU A 54 9.58 7.93 14.35
N VAL A 55 8.51 7.54 13.66
CA VAL A 55 7.36 6.87 14.28
C VAL A 55 7.18 5.52 13.60
N ASP A 56 7.64 4.45 14.24
CA ASP A 56 7.40 3.10 13.71
C ASP A 56 5.90 2.81 13.70
N LEU A 57 5.41 2.40 12.55
CA LEU A 57 4.04 1.98 12.37
C LEU A 57 3.93 0.47 12.46
N PRO A 58 2.73 -0.08 12.53
CA PRO A 58 2.57 -1.53 12.42
C PRO A 58 2.93 -2.02 11.02
N GLY A 59 3.45 -3.24 10.96
CA GLY A 59 3.56 -3.90 9.67
C GLY A 59 2.19 -4.07 9.04
N THR A 60 2.10 -3.76 7.76
CA THR A 60 0.82 -3.87 7.07
C THR A 60 1.06 -4.02 5.58
N TYR A 61 0.20 -4.79 4.91
CA TYR A 61 0.32 -5.00 3.48
C TYR A 61 -0.47 -3.99 2.65
N SER A 62 -1.28 -3.14 3.28
CA SER A 62 -2.09 -2.17 2.55
C SER A 62 -2.67 -1.16 3.53
N LEU A 63 -3.60 -0.34 3.04
CA LEU A 63 -4.37 0.59 3.84
C LEU A 63 -5.87 0.27 3.81
N THR A 64 -6.25 -0.82 3.16
CA THR A 64 -7.66 -1.21 3.07
C THR A 64 -8.08 -1.84 4.39
N THR A 65 -8.92 -1.12 5.13
CA THR A 65 -9.38 -1.58 6.44
C THR A 65 -10.73 -2.26 6.27
N ILE A 66 -10.77 -3.57 6.51
CA ILE A 66 -11.98 -4.35 6.32
C ILE A 66 -12.74 -4.50 7.62
N THR A 70 -11.35 -8.26 13.78
CA THR A 70 -10.86 -7.01 13.23
C THR A 70 -9.33 -7.09 13.03
N SER A 71 -8.86 -6.44 11.97
CA SER A 71 -7.44 -6.39 11.63
C SER A 71 -7.02 -4.92 11.64
N LEU A 72 -6.56 -4.46 12.80
CA LEU A 72 -6.30 -3.05 13.04
C LEU A 72 -5.22 -2.51 12.11
N ASP A 73 -3.94 -2.66 12.51
CA ASP A 73 -2.74 -2.28 11.76
C ASP A 73 -2.99 -1.36 10.57
N GLU A 74 -3.74 -1.86 9.58
CA GLU A 74 -4.18 -1.03 8.47
C GLU A 74 -4.84 0.23 8.98
N GLN A 75 -5.79 0.09 9.92
CA GLN A 75 -6.49 1.25 10.46
C GLN A 75 -5.56 2.13 11.28
N ILE A 76 -4.71 1.53 12.12
CA ILE A 76 -3.77 2.31 12.92
C ILE A 76 -2.92 3.19 12.01
N ALA A 77 -2.43 2.62 10.91
CA ALA A 77 -1.65 3.40 9.96
C ALA A 77 -2.53 4.34 9.15
N CYS A 78 -3.63 3.82 8.59
CA CYS A 78 -4.59 4.64 7.85
C CYS A 78 -4.99 5.87 8.66
N HIS A 79 -5.15 5.70 9.98
CA HIS A 79 -5.42 6.83 10.85
C HIS A 79 -4.26 7.82 10.87
N TYR A 80 -3.08 7.35 11.31
CA TYR A 80 -1.94 8.25 11.50
C TYR A 80 -1.58 8.99 10.23
N ILE A 81 -1.71 8.34 9.07
CA ILE A 81 -1.48 9.02 7.81
C ILE A 81 -2.48 10.16 7.63
N LEU A 82 -3.76 9.86 7.78
CA LEU A 82 -4.79 10.86 7.54
C LEU A 82 -4.81 11.92 8.63
N SER A 83 -4.28 11.61 9.81
CA SER A 83 -4.32 12.54 10.93
C SER A 83 -3.54 13.81 10.66
N GLY A 84 -2.70 13.83 9.62
CA GLY A 84 -1.85 14.99 9.39
C GLY A 84 -0.71 15.13 10.36
N ASP A 85 -0.44 14.09 11.16
CA ASP A 85 0.69 14.12 12.09
C ASP A 85 2.01 14.13 11.33
N ALA A 86 2.22 13.14 10.46
CA ALA A 86 3.53 12.97 9.84
C ALA A 86 3.82 14.10 8.86
N ASP A 87 5.03 14.66 8.97
CA ASP A 87 5.48 15.60 7.95
C ASP A 87 5.70 14.88 6.63
N MET A 88 6.29 13.69 6.68
CA MET A 88 6.51 12.85 5.52
C MET A 88 6.64 11.42 6.01
N LEU A 89 6.73 10.49 5.07
CA LEU A 89 6.80 9.09 5.41
C LEU A 89 8.02 8.43 4.78
N ILE A 90 8.24 7.18 5.20
CA ILE A 90 9.18 6.27 4.56
C ILE A 90 8.45 4.96 4.31
N ASN A 91 8.30 4.59 3.05
CA ASN A 91 7.74 3.28 2.70
C ASN A 91 8.90 2.31 2.53
N VAL A 92 8.96 1.32 3.42
CA VAL A 92 9.97 0.28 3.33
C VAL A 92 9.47 -0.81 2.39
N VAL A 93 10.29 -1.15 1.40
CA VAL A 93 9.86 -1.96 0.27
C VAL A 93 10.90 -3.04 0.04
N ASP A 94 10.50 -4.30 0.21
CA ASP A 94 11.38 -5.42 -0.13
C ASP A 94 11.35 -5.66 -1.63
N ALA A 95 12.53 -5.80 -2.24
CA ALA A 95 12.62 -5.97 -3.68
C ALA A 95 12.29 -7.38 -4.14
N SER A 96 12.42 -8.37 -3.25
CA SER A 96 12.19 -9.76 -3.66
C SER A 96 10.71 -10.00 -3.96
N ASN A 97 9.81 -9.39 -3.20
CA ASN A 97 8.38 -9.65 -3.30
C ASN A 97 7.60 -8.47 -3.85
N LEU A 98 8.26 -7.62 -4.65
CA LEU A 98 7.73 -6.35 -5.15
C LEU A 98 6.23 -6.32 -5.41
N GLU A 99 5.73 -7.32 -6.14
CA GLU A 99 4.29 -7.39 -6.44
C GLU A 99 3.47 -7.37 -5.15
N ARG A 100 3.99 -7.98 -4.09
CA ARG A 100 3.34 -7.93 -2.78
C ARG A 100 3.54 -6.57 -2.13
N ASN A 101 4.79 -6.12 -2.02
CA ASN A 101 5.11 -4.92 -1.26
C ASN A 101 4.45 -3.67 -1.84
N LEU A 102 4.21 -3.65 -3.15
CA LEU A 102 3.91 -2.41 -3.84
C LEU A 102 2.45 -1.98 -3.74
N TYR A 103 1.57 -2.83 -3.20
CA TYR A 103 0.18 -2.39 -3.04
C TYR A 103 0.09 -1.23 -2.05
N LEU A 104 0.74 -1.38 -0.89
CA LEU A 104 0.80 -0.28 0.07
C LEU A 104 1.43 0.95 -0.55
N THR A 105 2.47 0.76 -1.36
CA THR A 105 3.20 1.88 -1.93
C THR A 105 2.30 2.73 -2.82
N LEU A 106 1.45 2.08 -3.62
CA LEU A 106 0.60 2.83 -4.55
C LEU A 106 -0.48 3.61 -3.82
N GLN A 107 -1.01 3.04 -2.74
CA GLN A 107 -2.01 3.75 -1.95
C GLN A 107 -1.41 4.97 -1.26
N LEU A 108 -0.20 4.83 -0.73
CA LEU A 108 0.45 5.93 -0.04
C LEU A 108 0.73 7.10 -0.96
N LEU A 109 1.01 6.82 -2.23
CA LEU A 109 1.32 7.87 -3.19
C LEU A 109 0.07 8.51 -3.78
N GLU A 110 -1.00 7.72 -3.95
CA GLU A 110 -2.29 8.29 -4.31
C GLU A 110 -2.75 9.29 -3.26
N LEU A 111 -2.53 8.96 -1.99
CA LEU A 111 -2.84 9.87 -0.89
C LEU A 111 -1.92 11.08 -0.87
N GLY A 112 -0.97 11.18 -1.79
CA GLY A 112 -0.20 12.39 -2.00
C GLY A 112 0.81 12.76 -0.93
N ILE A 113 0.67 12.19 0.27
CA ILE A 113 1.52 12.59 1.40
C ILE A 113 2.98 12.36 1.04
N PRO A 114 3.89 13.27 1.37
CA PRO A 114 5.30 13.11 0.98
C PRO A 114 5.87 11.80 1.48
N CYS A 115 6.45 11.03 0.55
CA CYS A 115 6.98 9.71 0.85
C CYS A 115 8.37 9.55 0.26
N VAL A 116 9.17 8.70 0.90
CA VAL A 116 10.46 8.28 0.38
C VAL A 116 10.54 6.77 0.49
N VAL A 117 10.95 6.11 -0.58
CA VAL A 117 10.99 4.66 -0.62
C VAL A 117 12.38 4.18 -0.23
N ALA A 118 12.44 3.42 0.85
CA ALA A 118 13.65 2.70 1.23
C ALA A 118 13.58 1.32 0.59
N LEU A 119 14.45 1.07 -0.39
CA LEU A 119 14.50 -0.21 -1.06
C LEU A 119 15.36 -1.16 -0.25
N ASN A 120 14.81 -2.32 0.08
CA ASN A 120 15.27 -3.10 1.22
C ASN A 120 16.17 -4.26 0.83
N MET A 121 17.17 -4.53 1.68
CA MET A 121 17.78 -5.85 1.86
C MET A 121 18.48 -6.33 0.59
N LEU A 122 19.00 -5.41 -0.22
CA LEU A 122 19.35 -5.74 -1.59
C LEU A 122 20.61 -6.60 -1.73
N ASP A 123 21.08 -7.20 -0.64
CA ASP A 123 21.92 -8.38 -0.76
C ASP A 123 21.09 -9.66 -0.89
N ILE A 124 19.80 -9.57 -0.57
CA ILE A 124 18.86 -10.68 -0.75
C ILE A 124 18.56 -10.78 -2.24
N ALA A 125 19.11 -9.85 -3.02
CA ALA A 125 19.02 -9.89 -4.48
C ALA A 125 20.37 -9.63 -5.15
N VAL A 130 21.95 -10.15 -8.49
CA VAL A 130 20.99 -9.51 -9.38
C VAL A 130 20.78 -8.08 -8.91
N ARG A 131 20.05 -7.30 -9.71
CA ARG A 131 19.95 -5.86 -9.55
C ARG A 131 18.92 -5.30 -10.53
N ILE A 132 18.34 -4.16 -10.17
CA ILE A 132 17.13 -3.61 -10.79
C ILE A 132 17.41 -2.17 -11.23
N ASP A 133 16.59 -1.70 -12.19
CA ASP A 133 16.66 -0.36 -12.76
C ASP A 133 15.91 0.63 -11.86
N ILE A 134 16.64 1.26 -10.94
CA ILE A 134 16.01 2.07 -9.90
C ILE A 134 15.56 3.43 -10.43
N ASP A 135 16.38 4.08 -11.26
CA ASP A 135 16.07 5.45 -11.67
C ASP A 135 14.71 5.55 -12.34
N ALA A 136 14.36 4.56 -13.17
CA ALA A 136 13.05 4.57 -13.81
C ALA A 136 11.95 4.26 -12.80
N LEU A 137 12.25 3.43 -11.80
CA LEU A 137 11.27 3.07 -10.78
C LEU A 137 10.81 4.30 -10.01
N ALA A 138 11.76 5.11 -9.53
CA ALA A 138 11.39 6.30 -8.77
C ALA A 138 10.56 7.25 -9.62
N ALA A 139 10.92 7.41 -10.89
CA ALA A 139 10.20 8.33 -11.76
C ALA A 139 8.85 7.79 -12.21
N ARG A 140 8.60 6.49 -12.05
CA ARG A 140 7.26 5.96 -12.28
C ARG A 140 6.35 6.16 -11.08
N LEU A 141 6.92 6.34 -9.88
CA LEU A 141 6.13 6.62 -8.69
C LEU A 141 6.02 8.11 -8.39
N GLY A 142 6.95 8.93 -8.88
CA GLY A 142 6.92 10.34 -8.60
C GLY A 142 7.48 10.71 -7.25
N CYS A 143 8.32 9.86 -6.67
CA CYS A 143 8.94 10.10 -5.38
C CYS A 143 10.40 9.66 -5.49
N PRO A 144 11.23 9.85 -4.46
CA PRO A 144 12.59 9.31 -4.52
C PRO A 144 12.68 7.93 -3.90
N VAL A 145 13.60 7.15 -4.45
CA VAL A 145 13.84 5.79 -4.00
C VAL A 145 15.32 5.65 -3.66
N ILE A 146 15.59 5.39 -2.38
CA ILE A 146 16.94 5.09 -1.90
C ILE A 146 17.08 3.57 -1.78
N PRO A 147 17.96 2.95 -2.55
CA PRO A 147 18.26 1.53 -2.33
C PRO A 147 19.30 1.36 -1.24
N LEU A 148 19.25 0.21 -0.57
CA LEU A 148 20.08 -0.02 0.59
C LEU A 148 20.71 -1.41 0.58
N VAL A 149 21.88 -1.50 1.21
CA VAL A 149 22.45 -2.76 1.68
C VAL A 149 22.76 -2.53 3.15
N SER A 150 21.79 -2.82 4.02
CA SER A 150 21.80 -2.26 5.38
C SER A 150 22.87 -2.89 6.25
N THR A 151 23.13 -4.19 6.08
CA THR A 151 24.12 -4.86 6.92
C THR A 151 25.50 -4.21 6.79
N ARG A 152 25.74 -3.47 5.71
CA ARG A 152 26.91 -2.62 5.65
C ARG A 152 26.71 -1.34 6.46
N GLY A 153 25.47 -0.90 6.61
CA GLY A 153 25.21 0.43 7.15
C GLY A 153 25.41 1.51 6.13
N ARG A 154 25.15 1.20 4.86
CA ARG A 154 25.52 2.08 3.76
C ARG A 154 24.29 2.29 2.89
N GLY A 155 24.05 3.51 2.46
CA GLY A 155 22.80 3.92 1.87
C GLY A 155 21.82 4.50 2.88
N ILE A 156 21.94 4.12 4.16
CA ILE A 156 21.19 4.77 5.22
C ILE A 156 21.47 6.27 5.22
N GLU A 157 22.74 6.64 5.05
CA GLU A 157 23.10 8.06 5.04
C GLU A 157 22.38 8.79 3.91
N ALA A 158 22.24 8.14 2.75
CA ALA A 158 21.49 8.73 1.66
C ALA A 158 20.03 8.89 2.03
N LEU A 159 19.49 7.97 2.83
CA LEU A 159 18.09 8.08 3.24
C LEU A 159 17.91 9.16 4.29
N LYS A 160 18.86 9.28 5.22
CA LYS A 160 18.85 10.41 6.15
C LYS A 160 18.86 11.73 5.41
N ILE A 161 19.62 11.80 4.31
CA ILE A 161 19.71 13.02 3.53
C ILE A 161 18.44 13.23 2.71
N ALA A 162 17.79 12.15 2.28
CA ALA A 162 16.59 12.26 1.44
C ALA A 162 15.41 12.84 2.21
N LEU A 163 15.31 12.56 3.52
CA LEU A 163 14.27 13.19 4.34
C LEU A 163 14.44 14.70 4.38
N ASP A 164 15.69 15.18 4.27
CA ASP A 164 15.95 16.60 4.43
C ASP A 164 15.41 17.41 3.26
N ARG A 165 15.53 16.89 2.04
CA ARG A 165 15.21 17.70 0.86
C ARG A 165 13.78 17.52 0.36
N HIS A 166 13.21 16.33 0.44
CA HIS A 166 11.96 16.07 -0.28
C HIS A 166 10.82 16.94 0.24
N GLN A 167 10.17 17.65 -0.69
CA GLN A 167 9.07 18.55 -0.37
C GLN A 167 7.72 17.90 -0.63
N ALA A 168 7.46 17.50 -1.87
CA ALA A 168 6.20 16.90 -2.23
C ALA A 168 6.40 15.95 -3.39
N ASN A 169 5.54 14.94 -3.47
CA ASN A 169 5.64 13.93 -4.52
C ASN A 169 5.17 14.49 -5.86
N SER A 170 5.79 14.01 -6.93
CA SER A 170 5.41 14.45 -8.27
C SER A 170 3.98 14.03 -8.59
N ASP A 171 3.34 14.79 -9.45
CA ASP A 171 1.91 14.65 -9.75
C ASP A 171 1.76 13.80 -11.02
N LEU A 172 1.47 12.51 -10.84
CA LEU A 172 1.43 11.56 -11.95
C LEU A 172 0.11 10.81 -11.93
N GLU A 173 -0.22 10.23 -13.10
CA GLU A 173 -1.33 9.29 -13.21
C GLU A 173 -0.81 7.93 -12.76
N LEU A 174 -0.84 7.72 -11.44
CA LEU A 174 -0.28 6.50 -10.87
C LEU A 174 -1.06 5.28 -11.32
N VAL A 175 -2.38 5.30 -11.16
CA VAL A 175 -3.24 4.19 -11.54
C VAL A 175 -4.29 4.69 -12.53
N HIS A 176 -4.39 3.99 -13.65
CA HIS A 176 -5.45 4.25 -14.62
C HIS A 176 -6.65 3.37 -14.28
N TYR A 177 -7.70 3.98 -13.70
CA TYR A 177 -8.94 3.31 -13.35
C TYR A 177 -9.95 3.41 -14.49
N PRO A 178 -10.91 2.49 -14.55
CA PRO A 178 -12.04 2.68 -15.46
C PRO A 178 -12.87 3.88 -15.03
N GLN A 179 -13.28 4.69 -16.01
CA GLN A 179 -13.99 5.93 -15.70
C GLN A 179 -15.28 5.72 -14.91
N PRO A 180 -16.05 4.64 -15.11
CA PRO A 180 -17.21 4.41 -14.22
C PRO A 180 -16.90 4.51 -12.74
N LEU A 181 -15.80 3.90 -12.29
CA LEU A 181 -15.45 3.94 -10.87
C LEU A 181 -15.07 5.34 -10.44
N LEU A 182 -14.24 6.02 -11.22
CA LEU A 182 -13.85 7.39 -10.92
C LEU A 182 -15.09 8.28 -10.80
N ARG A 183 -16.00 8.19 -11.77
CA ARG A 183 -17.22 8.98 -11.77
C ARG A 183 -17.93 8.90 -10.42
N GLU A 184 -18.24 7.69 -9.98
CA GLU A 184 -18.99 7.54 -8.73
C GLU A 184 -18.13 7.83 -7.51
N ALA A 185 -16.82 7.60 -7.59
CA ALA A 185 -15.95 7.93 -6.47
C ALA A 185 -15.76 9.45 -6.35
N ASP A 186 -15.78 10.17 -7.47
CA ASP A 186 -15.72 11.63 -7.39
C ASP A 186 -16.95 12.18 -6.70
N LEU A 187 -18.12 11.59 -6.94
CA LEU A 187 -19.35 12.05 -6.32
C LEU A 187 -19.36 11.78 -4.82
N LEU A 188 -18.83 10.62 -4.39
CA LEU A 188 -18.69 10.38 -2.97
C LEU A 188 -17.75 11.39 -2.32
N ALA A 189 -16.85 11.98 -3.11
CA ALA A 189 -15.94 12.98 -2.56
C ALA A 189 -16.65 14.30 -2.30
N GLN A 190 -17.45 14.77 -3.26
CA GLN A 190 -18.12 16.06 -3.10
C GLN A 190 -19.08 16.07 -1.92
N GLN A 191 -19.62 14.91 -1.55
CA GLN A 191 -20.51 14.86 -0.39
C GLN A 191 -19.76 15.03 0.92
N MET A 192 -18.43 14.91 0.91
CA MET A 192 -17.63 15.06 2.11
C MET A 192 -17.34 16.53 2.37
N SER A 193 -16.91 16.82 3.59
CA SER A 193 -16.58 18.19 3.97
C SER A 193 -15.22 18.60 3.42
N ALA A 194 -15.11 19.87 3.00
CA ALA A 194 -13.87 20.40 2.43
C ALA A 194 -12.76 20.53 3.46
N GLN A 195 -13.03 20.24 4.73
CA GLN A 195 -11.97 20.15 5.73
C GLN A 195 -10.83 19.26 5.24
N ILE A 196 -11.18 18.22 4.49
CA ILE A 196 -10.21 17.27 3.94
C ILE A 196 -9.67 17.83 2.63
N PRO A 197 -8.36 17.80 2.40
CA PRO A 197 -7.82 18.25 1.11
C PRO A 197 -8.46 17.51 -0.05
N PRO A 198 -8.87 18.24 -1.10
CA PRO A 198 -9.58 17.60 -2.22
C PRO A 198 -8.87 16.40 -2.81
N ARG A 199 -7.54 16.36 -2.77
CA ARG A 199 -6.83 15.19 -3.30
C ARG A 199 -7.16 13.94 -2.48
N GLN A 200 -7.21 14.08 -1.16
CA GLN A 200 -7.49 12.93 -0.30
C GLN A 200 -8.90 12.41 -0.50
N ARG A 201 -9.86 13.32 -0.71
CA ARG A 201 -11.26 12.91 -0.79
C ARG A 201 -11.49 11.97 -1.97
N ARG A 202 -10.90 12.30 -3.13
CA ARG A 202 -10.93 11.38 -4.26
C ARG A 202 -10.44 10.00 -3.87
N TRP A 203 -9.38 9.95 -3.05
CA TRP A 203 -8.87 8.67 -2.57
C TRP A 203 -9.86 8.00 -1.62
N LEU A 204 -10.36 8.76 -0.64
CA LEU A 204 -11.32 8.19 0.31
C LEU A 204 -12.57 7.69 -0.39
N GLY A 205 -12.95 8.32 -1.50
CA GLY A 205 -14.08 7.82 -2.26
C GLY A 205 -13.83 6.46 -2.86
N LEU A 206 -12.59 6.20 -3.28
CA LEU A 206 -12.27 4.89 -3.87
C LEU A 206 -12.11 3.83 -2.79
N GLN A 207 -11.51 4.19 -1.65
CA GLN A 207 -11.40 3.23 -0.57
C GLN A 207 -12.77 2.81 -0.05
N MET A 208 -13.71 3.75 0.02
CA MET A 208 -15.07 3.41 0.42
C MET A 208 -15.69 2.39 -0.53
N LEU A 209 -15.44 2.55 -1.84
CA LEU A 209 -15.95 1.59 -2.82
C LEU A 209 -15.27 0.24 -2.67
N GLU A 210 -13.97 0.21 -2.40
CA GLU A 210 -13.24 -1.04 -2.19
C GLU A 210 -13.81 -1.85 -1.03
N GLY A 211 -14.58 -1.24 -0.16
CA GLY A 211 -15.01 -1.87 1.07
C GLY A 211 -14.23 -1.46 2.30
N ASP A 212 -13.65 -0.26 2.32
CA ASP A 212 -12.93 0.22 3.51
C ASP A 212 -13.93 0.67 4.56
N ILE A 213 -13.63 0.38 5.81
CA ILE A 213 -14.51 0.67 6.92
C ILE A 213 -14.11 1.93 7.68
N TYR A 214 -12.80 2.11 7.89
CA TYR A 214 -12.34 3.35 8.52
C TYR A 214 -12.58 4.56 7.62
N SER A 215 -12.61 4.35 6.30
CA SER A 215 -12.97 5.41 5.37
C SER A 215 -14.48 5.64 5.36
N ARG A 216 -15.26 4.55 5.45
CA ARG A 216 -16.71 4.67 5.63
C ARG A 216 -17.04 5.61 6.77
N ALA A 217 -16.22 5.60 7.83
CA ALA A 217 -16.46 6.40 9.02
C ALA A 217 -15.80 7.77 8.92
N TYR A 218 -14.53 7.81 8.50
CA TYR A 218 -13.81 9.07 8.38
C TYR A 218 -14.57 10.06 7.49
N ALA A 219 -15.01 9.59 6.32
CA ALA A 219 -15.78 10.45 5.42
C ALA A 219 -17.08 10.90 6.07
N GLY A 220 -17.71 10.02 6.84
CA GLY A 220 -18.88 10.41 7.62
C GLY A 220 -20.08 10.68 6.74
N ASP A 221 -20.73 11.83 6.97
CA ASP A 221 -21.92 12.20 6.24
C ASP A 221 -21.64 12.18 4.74
N ALA A 222 -21.67 10.97 4.17
CA ALA A 222 -21.32 10.69 2.79
C ALA A 222 -21.46 9.18 2.63
N ALA A 223 -21.15 8.45 3.71
CA ALA A 223 -21.33 7.00 3.72
C ALA A 223 -22.79 6.61 3.60
N ASP A 224 -23.71 7.52 3.91
CA ASP A 224 -25.12 7.27 3.61
C ASP A 224 -25.36 7.23 2.12
N LYS A 225 -24.55 7.93 1.33
CA LYS A 225 -24.63 7.86 -0.12
C LYS A 225 -23.78 6.74 -0.71
N LEU A 226 -23.07 5.97 0.13
CA LEU A 226 -22.21 4.91 -0.38
C LEU A 226 -23.02 3.81 -1.05
N ASP A 227 -24.05 3.33 -0.38
CA ASP A 227 -24.82 2.20 -0.91
C ASP A 227 -25.61 2.61 -2.15
N ILE A 228 -26.12 3.84 -2.20
CA ILE A 228 -26.83 4.29 -3.39
C ILE A 228 -25.88 4.54 -4.55
N ALA A 229 -24.59 4.74 -4.28
CA ALA A 229 -23.60 4.80 -5.35
C ALA A 229 -23.26 3.40 -5.83
N LEU A 230 -22.95 2.50 -4.90
CA LEU A 230 -22.64 1.11 -5.24
C LEU A 230 -23.77 0.45 -6.04
N ALA A 231 -25.01 0.89 -5.82
CA ALA A 231 -26.12 0.38 -6.63
C ALA A 231 -26.00 0.84 -8.07
N ASN A 232 -25.62 2.12 -8.27
CA ASN A 232 -25.49 2.65 -9.61
C ASN A 232 -24.37 2.00 -10.41
N LEU A 233 -23.46 1.27 -9.74
CA LEU A 233 -22.44 0.50 -10.44
C LEU A 233 -22.98 -0.85 -10.88
N SER A 234 -23.52 -1.63 -9.92
CA SER A 234 -24.03 -2.99 -10.13
C SER A 234 -24.63 -3.19 -11.50
N ASP A 235 -25.28 -2.15 -12.03
CA ASP A 235 -25.71 -2.13 -13.43
C ASP A 235 -24.58 -2.51 -14.37
N GLU A 236 -23.48 -1.75 -14.35
CA GLU A 236 -22.42 -1.91 -15.33
C GLU A 236 -21.31 -2.83 -14.87
N ILE A 237 -20.89 -2.73 -13.61
CA ILE A 237 -19.74 -3.47 -13.09
C ILE A 237 -20.24 -4.69 -12.35
N ASP A 238 -19.54 -5.82 -12.54
CA ASP A 238 -19.93 -7.04 -11.83
C ASP A 238 -19.54 -6.98 -10.36
N ASP A 239 -18.36 -6.44 -10.07
CA ASP A 239 -17.91 -6.29 -8.69
C ASP A 239 -16.91 -5.14 -8.62
N PRO A 240 -17.29 -4.00 -8.05
CA PRO A 240 -16.38 -2.84 -8.05
C PRO A 240 -15.20 -3.02 -7.14
N ALA A 241 -15.35 -3.76 -6.04
CA ALA A 241 -14.25 -3.94 -5.09
C ALA A 241 -13.03 -4.53 -5.78
N LEU A 242 -13.26 -5.36 -6.81
CA LEU A 242 -12.15 -6.01 -7.50
C LEU A 242 -11.49 -5.08 -8.51
N HIS A 243 -12.30 -4.48 -9.40
CA HIS A 243 -11.75 -3.58 -10.42
C HIS A 243 -10.88 -2.49 -9.82
N ILE A 244 -11.17 -2.09 -8.57
CA ILE A 244 -10.31 -1.15 -7.88
C ILE A 244 -8.95 -1.79 -7.59
N ALA A 245 -8.96 -2.88 -6.81
CA ALA A 245 -7.71 -3.57 -6.49
C ALA A 245 -7.07 -4.16 -7.73
N ASP A 246 -7.82 -4.35 -8.81
CA ASP A 246 -7.24 -4.86 -10.06
C ASP A 246 -6.42 -3.79 -10.76
N ALA A 247 -7.05 -2.66 -11.07
CA ALA A 247 -6.34 -1.58 -11.76
C ALA A 247 -5.07 -1.18 -11.03
N ARG A 248 -5.07 -1.32 -9.70
CA ARG A 248 -3.84 -1.15 -8.93
C ARG A 248 -2.81 -2.21 -9.30
N TYR A 249 -3.22 -3.48 -9.27
CA TYR A 249 -2.32 -4.56 -9.63
C TYR A 249 -1.95 -4.56 -11.11
N GLN A 250 -2.70 -3.82 -11.94
CA GLN A 250 -2.28 -3.63 -13.33
C GLN A 250 -0.99 -2.83 -13.40
N THR A 251 -1.02 -1.60 -12.89
CA THR A 251 0.17 -0.76 -12.85
C THR A 251 1.26 -1.33 -11.97
N ILE A 252 0.91 -2.18 -11.00
CA ILE A 252 1.94 -2.94 -10.28
C ILE A 252 2.73 -3.79 -11.26
N ALA A 253 2.03 -4.57 -12.09
CA ALA A 253 2.70 -5.41 -13.07
C ALA A 253 3.41 -4.56 -14.12
N ALA A 254 2.79 -3.45 -14.54
CA ALA A 254 3.42 -2.57 -15.52
C ALA A 254 4.76 -2.07 -15.02
N ILE A 255 4.85 -1.73 -13.73
CA ILE A 255 6.12 -1.30 -13.16
C ILE A 255 7.11 -2.45 -13.11
N CYS A 256 6.74 -3.53 -12.41
CA CYS A 256 7.69 -4.62 -12.16
C CYS A 256 8.23 -5.22 -13.43
N ASP A 257 7.49 -5.13 -14.53
CA ASP A 257 8.04 -5.56 -15.81
C ASP A 257 9.07 -4.56 -16.33
N ALA A 258 8.86 -3.28 -16.09
CA ALA A 258 9.70 -2.23 -16.66
C ALA A 258 11.03 -2.04 -15.93
N VAL A 259 11.28 -2.76 -14.84
CA VAL A 259 12.49 -2.57 -14.06
C VAL A 259 13.26 -3.88 -13.93
N SER A 260 12.56 -5.00 -13.95
CA SER A 260 13.23 -6.30 -13.82
C SER A 260 13.74 -6.79 -15.16
N SER B 5 -2.87 -7.96 -22.73
CA SER B 5 -3.20 -9.38 -22.55
C SER B 5 -2.31 -10.02 -21.51
N MET B 6 -2.32 -9.45 -20.32
CA MET B 6 -1.70 -10.04 -19.15
C MET B 6 -2.72 -10.01 -18.01
N ALA B 7 -2.62 -10.99 -17.12
CA ALA B 7 -3.74 -11.41 -16.28
C ALA B 7 -4.30 -10.28 -15.43
N SER B 8 -5.51 -10.51 -14.93
CA SER B 8 -6.28 -9.53 -14.17
C SER B 8 -6.97 -10.24 -13.02
N LEU B 9 -7.23 -9.49 -11.94
CA LEU B 9 -7.89 -10.05 -10.76
C LEU B 9 -9.16 -10.81 -11.13
N MET B 10 -10.01 -10.21 -11.96
CA MET B 10 -11.26 -10.85 -12.34
C MET B 10 -11.00 -12.15 -13.10
N GLU B 11 -9.91 -12.23 -13.85
CA GLU B 11 -9.59 -13.45 -14.56
C GLU B 11 -9.25 -14.59 -13.61
N VAL B 12 -8.75 -14.27 -12.42
CA VAL B 12 -8.44 -15.31 -11.44
C VAL B 12 -9.69 -15.84 -10.78
N ARG B 13 -10.60 -14.94 -10.39
CA ARG B 13 -11.90 -15.36 -9.88
C ARG B 13 -12.61 -16.28 -10.86
N ASP B 14 -12.66 -15.86 -12.13
CA ASP B 14 -13.30 -16.66 -13.16
C ASP B 14 -12.60 -18.00 -13.33
N MET B 15 -11.29 -18.05 -13.12
CA MET B 15 -10.58 -19.32 -13.21
C MET B 15 -11.01 -20.27 -12.10
N LEU B 16 -10.97 -19.80 -10.85
CA LEU B 16 -11.41 -20.62 -9.74
C LEU B 16 -12.91 -20.88 -9.77
N ALA B 17 -13.66 -20.09 -10.55
CA ALA B 17 -15.10 -20.29 -10.66
C ALA B 17 -15.44 -21.59 -11.39
N LEU B 18 -14.54 -22.12 -12.19
CA LEU B 18 -14.76 -23.35 -12.93
C LEU B 18 -14.04 -24.55 -12.32
N GLN B 19 -12.73 -24.44 -12.13
CA GLN B 19 -11.94 -25.54 -11.62
C GLN B 19 -11.94 -25.61 -10.10
N GLY B 20 -12.57 -24.66 -9.42
CA GLY B 20 -12.70 -24.72 -7.97
C GLY B 20 -11.35 -24.64 -7.32
N ARG B 21 -11.00 -25.67 -6.57
CA ARG B 21 -9.66 -25.75 -5.98
C ARG B 21 -8.60 -25.70 -7.06
N MET B 22 -7.48 -25.04 -6.76
CA MET B 22 -6.44 -24.88 -7.76
C MET B 22 -5.14 -24.37 -7.16
N GLU B 23 -4.04 -25.05 -7.48
CA GLU B 23 -2.73 -24.58 -7.06
C GLU B 23 -2.34 -23.31 -7.83
N ALA B 24 -1.67 -22.40 -7.14
CA ALA B 24 -1.18 -21.19 -7.81
C ALA B 24 -0.16 -21.56 -8.89
N LYS B 25 0.68 -22.56 -8.62
CA LYS B 25 1.52 -23.18 -9.64
C LYS B 25 0.76 -23.39 -10.94
N GLN B 26 -0.45 -23.92 -10.86
CA GLN B 26 -1.28 -24.11 -12.05
C GLN B 26 -1.78 -22.78 -12.59
N LEU B 27 -2.30 -21.92 -11.71
CA LEU B 27 -2.84 -20.63 -12.13
C LEU B 27 -1.81 -19.81 -12.91
N SER B 28 -0.58 -19.74 -12.38
CA SER B 28 0.47 -19.00 -13.06
C SER B 28 0.70 -19.52 -14.47
N ALA B 29 0.82 -20.84 -14.61
CA ALA B 29 1.11 -21.41 -15.91
C ALA B 29 -0.10 -21.37 -16.84
N ARG B 30 -1.31 -21.51 -16.29
CA ARG B 30 -2.49 -21.57 -17.13
C ARG B 30 -2.99 -20.20 -17.55
N LEU B 31 -2.68 -19.15 -16.81
CA LEU B 31 -3.13 -17.80 -17.13
C LEU B 31 -2.10 -17.00 -17.93
N GLN B 32 -0.97 -17.60 -18.25
CA GLN B 32 0.11 -16.95 -18.99
C GLN B 32 0.62 -15.70 -18.26
N THR B 33 1.02 -15.92 -17.00
CA THR B 33 1.33 -14.81 -16.11
C THR B 33 2.39 -15.22 -15.10
N PRO B 34 3.34 -14.35 -14.77
CA PRO B 34 4.35 -14.69 -13.75
C PRO B 34 3.72 -15.16 -12.45
N GLN B 35 4.42 -16.08 -11.78
CA GLN B 35 3.93 -16.65 -10.52
C GLN B 35 3.80 -15.62 -9.41
N PRO B 36 4.85 -14.86 -9.04
CA PRO B 36 4.74 -14.02 -7.84
C PRO B 36 3.72 -12.90 -7.97
N LEU B 37 3.27 -12.58 -9.19
CA LEU B 37 2.16 -11.65 -9.33
C LEU B 37 0.82 -12.33 -9.05
N ILE B 38 0.65 -13.57 -9.53
CA ILE B 38 -0.54 -14.34 -9.18
C ILE B 38 -0.57 -14.59 -7.68
N ASP B 39 0.59 -14.87 -7.07
CA ASP B 39 0.63 -15.10 -5.63
C ASP B 39 0.20 -13.86 -4.87
N ALA B 40 0.61 -12.67 -5.32
CA ALA B 40 0.20 -11.45 -4.64
C ALA B 40 -1.30 -11.18 -4.83
N MET B 41 -1.82 -11.48 -6.03
CA MET B 41 -3.24 -11.24 -6.30
C MET B 41 -4.14 -12.10 -5.41
N LEU B 42 -3.82 -13.39 -5.31
CA LEU B 42 -4.57 -14.29 -4.43
C LEU B 42 -4.56 -13.76 -3.00
N GLU B 43 -3.37 -13.46 -2.48
CA GLU B 43 -3.22 -12.97 -1.12
C GLU B 43 -4.05 -11.72 -0.88
N ARG B 44 -4.26 -10.91 -1.92
CA ARG B 44 -5.12 -9.74 -1.85
C ARG B 44 -6.57 -10.17 -1.66
N MET B 45 -7.12 -10.86 -2.67
CA MET B 45 -8.51 -11.28 -2.64
C MET B 45 -8.85 -12.07 -1.38
N GLU B 46 -7.89 -12.88 -0.91
CA GLU B 46 -8.13 -13.69 0.29
C GLU B 46 -8.43 -12.81 1.49
N ALA B 47 -7.60 -11.80 1.73
CA ALA B 47 -7.89 -10.86 2.80
C ALA B 47 -9.13 -10.04 2.49
N MET B 48 -9.33 -9.69 1.22
CA MET B 48 -10.60 -9.08 0.82
C MET B 48 -11.78 -10.02 1.00
N GLY B 49 -11.53 -11.29 1.33
CA GLY B 49 -12.59 -12.24 1.57
C GLY B 49 -13.09 -12.96 0.34
N LYS B 50 -12.46 -12.77 -0.81
CA LYS B 50 -12.97 -13.31 -2.05
C LYS B 50 -12.49 -14.74 -2.33
N VAL B 51 -11.34 -15.14 -1.79
CA VAL B 51 -10.81 -16.49 -1.98
C VAL B 51 -10.31 -17.03 -0.64
N VAL B 52 -9.89 -18.30 -0.64
CA VAL B 52 -9.45 -18.97 0.58
C VAL B 52 -8.54 -20.13 0.22
N ARG B 53 -7.80 -20.63 1.21
CA ARG B 53 -6.68 -21.54 1.05
C ARG B 53 -6.97 -22.89 1.71
N ILE B 54 -6.25 -23.92 1.26
CA ILE B 54 -6.40 -25.29 1.77
C ILE B 54 -5.03 -25.93 1.88
N SER B 55 -4.84 -26.79 2.89
CA SER B 55 -3.55 -27.38 3.20
C SER B 55 -3.70 -28.87 3.54
N GLU B 56 -2.55 -29.51 3.74
CA GLU B 56 -2.45 -30.90 4.16
C GLU B 56 -1.27 -31.11 5.10
N GLN B 78 0.85 -28.08 -2.32
CA GLN B 78 0.28 -28.23 -0.98
C GLN B 78 -0.82 -27.19 -0.76
N GLU B 79 -0.58 -25.97 -1.21
CA GLU B 79 -1.60 -24.93 -1.18
C GLU B 79 -2.64 -25.18 -2.27
N TRP B 80 -3.88 -24.82 -1.96
CA TRP B 80 -4.97 -24.89 -2.91
C TRP B 80 -5.89 -23.71 -2.68
N TRP B 81 -6.23 -23.00 -3.75
CA TRP B 81 -7.10 -21.84 -3.66
C TRP B 81 -8.47 -22.15 -4.26
N ALA B 82 -9.51 -21.65 -3.60
CA ALA B 82 -10.87 -21.76 -4.09
C ALA B 82 -11.61 -20.50 -3.66
N LEU B 83 -12.90 -20.44 -3.99
CA LEU B 83 -13.65 -19.22 -3.81
C LEU B 83 -14.26 -19.10 -2.41
N ARG B 84 -14.61 -17.86 -2.06
CA ARG B 84 -15.55 -17.47 -1.02
C ARG B 84 -14.92 -17.19 0.36
N LEU B 85 -15.77 -16.86 1.31
CA LEU B 85 -15.46 -16.14 2.56
C LEU B 85 -14.43 -16.84 3.45
#